data_6WT5
#
_entry.id   6WT5
#
_cell.length_a   123.709
_cell.length_b   123.709
_cell.length_c   108.222
_cell.angle_alpha   90.000
_cell.angle_beta   90.000
_cell.angle_gamma   90.000
#
_symmetry.space_group_name_H-M   'P 41 21 2'
#
_entity_poly.entity_id   1
_entity_poly.type   'polypeptide(L)'
_entity_poly.pdbx_seq_one_letter_code
;SNDSDINFFPSSTLAAVYYENFIKPTCSHIINNGGLLDKNGYIYKKCTIKIIIPKKLTSDVNSQFQRIKAKIETKELSFE
YLGRPRNINVEIIAEDGEV(MSE)IIDFPTILSGINYAISNLLPQDFNS(MSE)SVDYEAILSRELERFVYTLKKIALRD
GFDDLIKIVDEDN
;
_entity_poly.pdbx_strand_id   A,B,C,D
#
# COMPACT_ATOMS: atom_id res chain seq x y z
N ASP A 3 -33.46 -5.41 2.16
CA ASP A 3 -32.31 -6.23 2.52
C ASP A 3 -31.62 -5.73 3.78
N SER A 4 -32.32 -4.86 4.52
CA SER A 4 -31.75 -4.29 5.74
C SER A 4 -31.50 -5.35 6.82
N ASP A 5 -32.19 -6.48 6.76
CA ASP A 5 -32.11 -7.47 7.82
C ASP A 5 -30.80 -8.25 7.79
N ILE A 6 -30.14 -8.33 6.63
CA ILE A 6 -28.90 -9.08 6.53
C ILE A 6 -27.72 -8.12 6.62
N ASN A 7 -27.88 -7.03 7.38
CA ASN A 7 -26.78 -6.12 7.70
C ASN A 7 -26.33 -6.43 9.13
N PHE A 8 -25.15 -7.03 9.27
CA PHE A 8 -24.62 -7.43 10.56
C PHE A 8 -23.29 -6.74 10.80
N PHE A 9 -22.87 -6.75 12.07
CA PHE A 9 -21.51 -6.38 12.38
C PHE A 9 -20.54 -7.40 11.77
N PRO A 10 -19.36 -6.96 11.33
CA PRO A 10 -18.37 -7.93 10.84
C PRO A 10 -18.03 -8.99 11.86
N SER A 11 -18.00 -8.62 13.14
CA SER A 11 -17.73 -9.60 14.18
C SER A 11 -18.80 -10.68 14.22
N SER A 12 -20.07 -10.29 14.08
CA SER A 12 -21.13 -11.29 14.11
C SER A 12 -21.09 -12.17 12.87
N THR A 13 -20.78 -11.59 11.71
CA THR A 13 -20.65 -12.38 10.50
C THR A 13 -19.51 -13.38 10.62
N LEU A 14 -18.35 -12.94 11.11
CA LEU A 14 -17.19 -13.82 11.20
C LEU A 14 -17.36 -14.87 12.28
N ALA A 15 -18.06 -14.55 13.36
CA ALA A 15 -18.31 -15.53 14.42
C ALA A 15 -19.16 -16.69 13.90
N ALA A 16 -20.22 -16.39 13.16
CA ALA A 16 -21.03 -17.45 12.57
C ALA A 16 -20.26 -18.21 11.49
N VAL A 17 -19.36 -17.53 10.79
CA VAL A 17 -18.53 -18.21 9.80
C VAL A 17 -17.55 -19.15 10.50
N TYR A 18 -16.89 -18.65 11.54
CA TYR A 18 -15.97 -19.48 12.32
C TYR A 18 -16.70 -20.64 12.99
N TYR A 19 -17.95 -20.40 13.42
CA TYR A 19 -18.72 -21.45 14.08
C TYR A 19 -19.03 -22.60 13.12
N GLU A 20 -19.58 -22.28 11.95
CA GLU A 20 -19.93 -23.32 10.98
C GLU A 20 -18.71 -24.00 10.38
N ASN A 21 -17.59 -23.28 10.27
CA ASN A 21 -16.40 -23.85 9.64
C ASN A 21 -15.69 -24.83 10.56
N PHE A 22 -15.63 -24.55 11.85
CA PHE A 22 -14.87 -25.39 12.77
C PHE A 22 -15.67 -25.87 13.96
N ILE A 23 -16.36 -24.97 14.67
CA ILE A 23 -16.97 -25.35 15.95
C ILE A 23 -18.06 -26.40 15.72
N LYS A 24 -19.07 -26.06 14.92
CA LYS A 24 -20.20 -26.98 14.75
C LYS A 24 -19.80 -28.34 14.22
N PRO A 25 -18.90 -28.49 13.23
CA PRO A 25 -18.53 -29.84 12.80
C PRO A 25 -17.79 -30.63 13.88
N THR A 26 -16.91 -29.98 14.63
CA THR A 26 -16.18 -30.69 15.67
C THR A 26 -17.11 -31.09 16.81
N CYS A 27 -18.08 -30.24 17.14
CA CYS A 27 -19.03 -30.59 18.19
C CYS A 27 -19.99 -31.67 17.74
N SER A 28 -20.49 -31.58 16.50
CA SER A 28 -21.40 -32.60 15.98
C SER A 28 -20.72 -33.96 15.94
N HIS A 29 -19.42 -33.98 15.63
CA HIS A 29 -18.69 -35.25 15.64
C HIS A 29 -18.57 -35.81 17.05
N ILE A 30 -18.38 -34.95 18.03
CA ILE A 30 -18.28 -35.42 19.42
C ILE A 30 -19.61 -35.99 19.89
N ILE A 31 -20.72 -35.34 19.54
CA ILE A 31 -22.03 -35.81 19.99
C ILE A 31 -22.38 -37.15 19.33
N ASN A 32 -22.03 -37.32 18.05
CA ASN A 32 -22.39 -38.54 17.35
C ASN A 32 -21.60 -39.74 17.88
N ASN A 33 -20.30 -39.57 18.10
CA ASN A 33 -19.44 -40.67 18.56
C ASN A 33 -19.40 -40.80 20.06
N GLY A 34 -20.10 -39.96 20.81
CA GLY A 34 -19.97 -39.97 22.25
C GLY A 34 -18.59 -39.56 22.74
N GLY A 35 -17.78 -38.97 21.86
CA GLY A 35 -16.43 -38.59 22.21
C GLY A 35 -15.62 -38.33 20.95
N LEU A 36 -14.30 -38.38 21.11
CA LEU A 36 -13.37 -38.11 20.02
C LEU A 36 -12.75 -39.41 19.56
N LEU A 37 -13.13 -39.86 18.38
CA LEU A 37 -12.61 -41.10 17.80
C LEU A 37 -11.36 -40.78 16.97
N ASP A 38 -10.25 -41.40 17.33
CA ASP A 38 -9.02 -41.22 16.56
C ASP A 38 -8.67 -42.49 15.78
N TYR A 42 -9.59 -45.63 19.69
CA TYR A 42 -10.13 -45.34 21.01
C TYR A 42 -10.86 -44.00 21.06
N ILE A 43 -11.99 -43.98 21.77
CA ILE A 43 -12.82 -42.79 21.89
C ILE A 43 -12.57 -42.14 23.24
N TYR A 44 -12.15 -40.88 23.22
CA TYR A 44 -12.02 -40.10 24.44
C TYR A 44 -13.38 -39.52 24.80
N LYS A 45 -13.94 -39.95 25.93
CA LYS A 45 -15.31 -39.55 26.28
C LYS A 45 -15.39 -38.08 26.69
N LYS A 46 -14.34 -37.54 27.31
CA LYS A 46 -14.33 -36.16 27.78
C LYS A 46 -13.57 -35.30 26.78
N CYS A 47 -14.30 -34.42 26.09
CA CYS A 47 -13.73 -33.55 25.08
C CYS A 47 -14.31 -32.15 25.23
N THR A 48 -13.43 -31.15 25.28
CA THR A 48 -13.85 -29.76 25.34
C THR A 48 -12.98 -28.98 24.36
N ILE A 49 -13.61 -28.06 23.62
CA ILE A 49 -12.90 -27.20 22.70
C ILE A 49 -12.53 -25.92 23.43
N LYS A 50 -11.23 -25.64 23.54
CA LYS A 50 -10.75 -24.41 24.17
C LYS A 50 -10.37 -23.43 23.07
N ILE A 51 -11.12 -22.34 22.99
CA ILE A 51 -10.88 -21.25 22.04
C ILE A 51 -10.14 -20.16 22.79
N ILE A 52 -8.97 -19.78 22.29
CA ILE A 52 -8.12 -18.80 22.94
C ILE A 52 -8.17 -17.52 22.11
N ILE A 53 -8.60 -16.43 22.73
CA ILE A 53 -8.70 -15.15 22.05
C ILE A 53 -7.69 -14.18 22.66
N PRO A 54 -7.20 -13.21 21.90
CA PRO A 54 -6.32 -12.20 22.50
C PRO A 54 -7.12 -11.22 23.34
N LYS A 55 -6.41 -10.56 24.26
CA LYS A 55 -7.05 -9.54 25.09
C LYS A 55 -7.38 -8.28 24.30
N LYS A 56 -6.64 -8.02 23.23
CA LYS A 56 -6.82 -6.82 22.42
C LYS A 56 -6.81 -7.18 20.95
N LEU A 57 -7.75 -6.60 20.20
CA LEU A 57 -7.74 -6.67 18.74
C LEU A 57 -6.89 -5.52 18.21
N THR A 58 -5.70 -5.84 17.74
CA THR A 58 -4.80 -4.85 17.15
C THR A 58 -4.61 -5.19 15.67
N SER A 59 -3.62 -4.55 15.07
CA SER A 59 -3.13 -5.04 13.79
C SER A 59 -2.21 -6.23 14.03
N ASP A 60 -2.03 -7.02 12.98
CA ASP A 60 -1.22 -8.24 13.04
C ASP A 60 -1.70 -9.16 14.16
N VAL A 61 -3.00 -9.47 14.14
CA VAL A 61 -3.55 -10.45 15.07
C VAL A 61 -2.87 -11.80 14.88
N ASN A 62 -2.36 -12.06 13.68
CA ASN A 62 -1.66 -13.33 13.43
C ASN A 62 -0.39 -13.41 14.25
N SER A 63 0.37 -12.33 14.34
CA SER A 63 1.55 -12.31 15.20
C SER A 63 1.18 -12.49 16.66
N GLN A 64 0.00 -12.01 17.06
CA GLN A 64 -0.48 -12.28 18.42
C GLN A 64 -0.70 -13.77 18.62
N PHE A 65 -1.37 -14.42 17.67
CA PHE A 65 -1.60 -15.85 17.78
C PHE A 65 -0.31 -16.64 17.67
N GLN A 66 0.64 -16.17 16.85
CA GLN A 66 1.95 -16.81 16.79
C GLN A 66 2.62 -16.76 18.16
N ARG A 67 2.43 -15.66 18.89
CA ARG A 67 2.93 -15.57 20.26
C ARG A 67 2.17 -16.49 21.19
N ILE A 68 0.88 -16.73 20.93
CA ILE A 68 0.08 -17.53 21.85
C ILE A 68 0.32 -19.03 21.63
N LYS A 69 0.59 -19.43 20.38
CA LYS A 69 0.78 -20.85 20.08
C LYS A 69 1.98 -21.42 20.82
N ALA A 70 3.05 -20.64 20.94
CA ALA A 70 4.29 -21.15 21.53
C ALA A 70 4.10 -21.56 22.98
N LYS A 71 3.16 -20.92 23.68
CA LYS A 71 2.94 -21.21 25.10
C LYS A 71 2.13 -22.47 25.33
N ILE A 72 1.63 -23.11 24.26
CA ILE A 72 0.75 -24.27 24.37
C ILE A 72 1.38 -25.45 23.64
N GLU A 73 1.31 -26.62 24.26
CA GLU A 73 1.83 -27.86 23.69
C GLU A 73 0.67 -28.70 23.16
N THR A 74 0.74 -29.09 21.89
CA THR A 74 -0.36 -29.78 21.24
C THR A 74 0.14 -30.98 20.44
N LYS A 75 -0.77 -31.92 20.24
CA LYS A 75 -0.55 -33.11 19.43
C LYS A 75 -1.64 -33.18 18.37
N GLU A 76 -1.25 -33.55 17.14
CA GLU A 76 -2.21 -33.59 16.05
C GLU A 76 -3.06 -34.85 16.13
N LEU A 77 -4.37 -34.69 15.96
CA LEU A 77 -5.29 -35.80 15.88
C LEU A 77 -6.19 -35.61 14.66
N SER A 78 -6.71 -36.71 14.14
CA SER A 78 -7.55 -36.69 12.95
C SER A 78 -8.85 -37.42 13.21
N PHE A 79 -9.91 -36.93 12.56
CA PHE A 79 -11.19 -37.60 12.53
C PHE A 79 -11.90 -37.22 11.25
N GLU A 80 -13.00 -37.90 10.95
CA GLU A 80 -13.75 -37.70 9.73
C GLU A 80 -15.18 -37.33 10.07
N TYR A 81 -15.67 -36.24 9.46
CA TYR A 81 -17.04 -35.79 9.64
C TYR A 81 -17.67 -35.57 8.28
N LEU A 82 -18.81 -36.23 8.05
CA LEU A 82 -19.54 -36.16 6.78
C LEU A 82 -18.64 -36.47 5.60
N PRO A 85 -12.31 -35.57 6.06
CA PRO A 85 -11.14 -35.62 6.95
C PRO A 85 -10.82 -34.25 7.55
N ARG A 86 -10.59 -34.21 8.86
CA ARG A 86 -10.32 -32.97 9.56
C ARG A 86 -9.18 -33.18 10.54
N ASN A 87 -8.40 -32.12 10.76
CA ASN A 87 -7.25 -32.14 11.65
C ASN A 87 -7.49 -31.20 12.82
N ILE A 88 -7.10 -31.65 14.02
CA ILE A 88 -7.26 -30.86 15.24
C ILE A 88 -5.99 -30.99 16.07
N ASN A 89 -5.70 -29.96 16.85
CA ASN A 89 -4.60 -29.94 17.80
C ASN A 89 -5.18 -30.11 19.20
N VAL A 90 -4.73 -31.13 19.92
CA VAL A 90 -5.35 -31.48 21.20
C VAL A 90 -4.36 -31.34 22.34
N GLU A 91 -4.85 -31.54 23.56
CA GLU A 91 -4.05 -31.39 24.76
C GLU A 91 -4.57 -32.28 25.87
N ASP A 96 -5.45 -38.33 29.28
CA ASP A 96 -5.88 -39.05 30.47
C ASP A 96 -7.41 -39.04 30.53
N GLY A 97 -8.04 -39.47 29.44
CA GLY A 97 -9.47 -39.50 29.35
C GLY A 97 -10.12 -38.18 29.01
N GLU A 98 -9.48 -37.06 29.37
CA GLU A 98 -10.00 -35.73 29.10
C GLU A 98 -9.11 -35.05 28.07
N VAL A 99 -9.70 -34.62 26.95
CA VAL A 99 -8.95 -34.08 25.83
C VAL A 99 -9.35 -32.63 25.61
N ILE A 101 -9.29 -29.83 22.95
CA ILE A 101 -9.09 -29.42 21.57
C ILE A 101 -8.80 -27.91 21.57
N ILE A 102 -7.60 -27.54 21.12
CA ILE A 102 -7.16 -26.16 21.13
C ILE A 102 -7.35 -25.58 19.74
N ASP A 103 -7.98 -24.41 19.67
CA ASP A 103 -8.19 -23.72 18.40
C ASP A 103 -7.99 -22.22 18.60
N PHE A 104 -7.38 -21.58 17.61
CA PHE A 104 -7.13 -20.15 17.63
C PHE A 104 -7.95 -19.47 16.55
N PRO A 105 -8.93 -18.64 16.90
CA PRO A 105 -9.72 -17.96 15.85
C PRO A 105 -8.91 -16.87 15.15
N THR A 106 -8.06 -17.26 14.21
CA THR A 106 -7.31 -16.29 13.43
C THR A 106 -8.20 -15.49 12.50
N ILE A 107 -9.47 -15.88 12.35
CA ILE A 107 -10.43 -15.12 11.57
C ILE A 107 -10.70 -13.75 12.17
N LEU A 108 -10.31 -13.53 13.43
CA LEU A 108 -10.44 -12.22 14.06
C LEU A 108 -9.73 -11.13 13.29
N SER A 109 -8.71 -11.47 12.51
CA SER A 109 -8.05 -10.47 11.67
C SER A 109 -9.00 -9.89 10.65
N GLY A 110 -10.08 -10.59 10.32
CA GLY A 110 -11.02 -10.12 9.32
C GLY A 110 -11.89 -8.98 9.78
N ILE A 111 -11.98 -8.74 11.09
CA ILE A 111 -12.79 -7.62 11.58
C ILE A 111 -12.21 -6.30 11.09
N ASN A 112 -10.90 -6.14 11.24
CA ASN A 112 -10.26 -4.92 10.76
C ASN A 112 -10.19 -4.88 9.24
N TYR A 113 -10.01 -6.03 8.60
CA TYR A 113 -10.06 -6.07 7.14
C TYR A 113 -11.39 -5.56 6.62
N ALA A 114 -12.48 -5.87 7.32
CA ALA A 114 -13.79 -5.46 6.84
C ALA A 114 -14.02 -3.97 7.05
N ILE A 115 -13.74 -3.46 8.26
CA ILE A 115 -14.04 -2.07 8.57
C ILE A 115 -13.17 -1.12 7.74
N SER A 116 -11.89 -1.46 7.58
CA SER A 116 -10.98 -0.56 6.86
C SER A 116 -11.31 -0.52 5.37
N ASN A 117 -11.70 -1.66 4.79
CA ASN A 117 -12.03 -1.69 3.36
C ASN A 117 -13.42 -1.17 3.07
N LEU A 118 -14.39 -1.46 3.94
CA LEU A 118 -15.77 -1.09 3.69
C LEU A 118 -16.12 0.30 4.19
N LEU A 119 -15.18 1.01 4.82
CA LEU A 119 -15.38 2.39 5.18
C LEU A 119 -14.42 3.29 4.42
N PRO A 120 -14.88 4.45 3.94
CA PRO A 120 -14.07 5.39 3.16
C PRO A 120 -12.83 5.88 3.91
N ASP A 129 -10.42 6.06 19.64
CA ASP A 129 -11.53 6.08 18.71
C ASP A 129 -11.69 4.72 18.04
N TYR A 130 -10.76 4.40 17.15
CA TYR A 130 -10.79 3.12 16.46
C TYR A 130 -10.46 1.95 17.40
N GLU A 131 -9.75 2.23 18.50
CA GLU A 131 -9.44 1.17 19.46
C GLU A 131 -10.71 0.68 20.15
N ALA A 132 -11.66 1.59 20.43
CA ALA A 132 -12.88 1.20 21.11
C ALA A 132 -13.77 0.35 20.20
N ILE A 133 -13.81 0.67 18.90
CA ILE A 133 -14.63 -0.09 17.98
C ILE A 133 -14.14 -1.53 17.88
N LEU A 134 -12.82 -1.71 17.69
CA LEU A 134 -12.26 -3.06 17.67
C LEU A 134 -12.45 -3.75 19.02
N SER A 135 -12.40 -2.99 20.11
CA SER A 135 -12.60 -3.59 21.42
C SER A 135 -14.00 -4.19 21.55
N ARG A 136 -15.03 -3.42 21.18
CA ARG A 136 -16.39 -3.93 21.25
C ARG A 136 -16.65 -5.00 20.21
N GLU A 137 -15.96 -4.95 19.08
CA GLU A 137 -16.13 -5.98 18.06
C GLU A 137 -15.62 -7.33 18.56
N LEU A 138 -14.50 -7.34 19.27
CA LEU A 138 -14.01 -8.58 19.86
C LEU A 138 -15.01 -9.15 20.85
N GLU A 139 -15.60 -8.31 21.69
CA GLU A 139 -16.64 -8.78 22.59
C GLU A 139 -17.85 -9.29 21.82
N ARG A 140 -18.23 -8.60 20.74
CA ARG A 140 -19.37 -9.05 19.95
C ARG A 140 -19.10 -10.38 19.27
N PHE A 141 -17.84 -10.62 18.84
CA PHE A 141 -17.48 -11.91 18.28
C PHE A 141 -17.66 -13.03 19.30
N VAL A 142 -17.17 -12.81 20.51
CA VAL A 142 -17.27 -13.82 21.56
C VAL A 142 -18.71 -14.04 21.97
N TYR A 143 -19.49 -12.96 22.08
CA TYR A 143 -20.88 -13.08 22.51
C TYR A 143 -21.71 -13.83 21.46
N THR A 144 -21.54 -13.49 20.19
CA THR A 144 -22.28 -14.19 19.14
C THR A 144 -21.91 -15.66 19.09
N LEU A 145 -20.63 -15.97 19.24
CA LEU A 145 -20.19 -17.37 19.20
C LEU A 145 -20.84 -18.18 20.31
N LYS A 146 -20.84 -17.64 21.53
CA LYS A 146 -21.48 -18.31 22.66
C LYS A 146 -22.99 -18.40 22.45
N LYS A 147 -23.59 -17.38 21.82
CA LYS A 147 -25.03 -17.35 21.67
C LYS A 147 -25.51 -18.48 20.76
N ILE A 148 -24.90 -18.63 19.58
CA ILE A 148 -25.34 -19.67 18.65
C ILE A 148 -24.94 -21.04 19.16
N ALA A 149 -23.78 -21.18 19.81
CA ALA A 149 -23.39 -22.47 20.35
C ALA A 149 -24.34 -22.92 21.44
N LEU A 150 -24.82 -21.97 22.25
CA LEU A 150 -25.82 -22.29 23.26
C LEU A 150 -27.14 -22.70 22.63
N ARG A 151 -27.48 -22.12 21.48
CA ARG A 151 -28.72 -22.47 20.80
C ARG A 151 -28.70 -23.90 20.29
N ASP A 152 -27.60 -24.30 19.65
CA ASP A 152 -27.51 -25.62 19.05
C ASP A 152 -27.11 -26.70 20.05
N GLY A 153 -27.02 -26.37 21.34
CA GLY A 153 -26.75 -27.37 22.35
C GLY A 153 -25.30 -27.78 22.50
N PHE A 154 -24.38 -26.99 21.95
CA PHE A 154 -22.96 -27.29 22.01
C PHE A 154 -22.23 -26.47 23.05
N ASP A 155 -22.96 -25.83 23.97
CA ASP A 155 -22.34 -24.89 24.90
C ASP A 155 -21.40 -25.58 25.87
N ASP A 156 -21.68 -26.83 26.24
CA ASP A 156 -20.84 -27.50 27.23
C ASP A 156 -19.50 -27.92 26.64
N LEU A 157 -19.45 -28.14 25.33
CA LEU A 157 -18.21 -28.56 24.67
C LEU A 157 -17.29 -27.40 24.34
N ILE A 158 -17.77 -26.17 24.47
CA ILE A 158 -17.04 -24.97 24.08
C ILE A 158 -16.61 -24.21 25.32
N LYS A 159 -15.37 -23.72 25.32
CA LYS A 159 -14.88 -22.83 26.36
C LYS A 159 -13.96 -21.79 25.73
N ILE A 160 -14.25 -20.51 25.98
CA ILE A 160 -13.50 -19.39 25.41
C ILE A 160 -12.74 -18.70 26.53
N VAL A 161 -11.42 -18.63 26.38
CA VAL A 161 -10.54 -18.01 27.36
C VAL A 161 -9.56 -17.11 26.61
N ASP A 162 -8.75 -16.37 27.37
CA ASP A 162 -7.69 -15.54 26.80
C ASP A 162 -6.34 -15.99 27.34
N GLU A 163 -5.30 -15.24 26.99
CA GLU A 163 -3.93 -15.56 27.40
C GLU A 163 -3.80 -15.69 28.92
N ASP B 3 -23.66 1.27 16.55
CA ASP B 3 -22.74 1.58 15.47
C ASP B 3 -23.32 1.19 14.12
N SER B 4 -24.20 2.05 13.58
CA SER B 4 -24.86 1.73 12.33
C SER B 4 -23.88 1.71 11.16
N ASP B 5 -22.78 2.45 11.27
CA ASP B 5 -21.86 2.60 10.14
C ASP B 5 -21.10 1.31 9.86
N ILE B 6 -20.88 0.47 10.87
CA ILE B 6 -20.11 -0.75 10.69
C ILE B 6 -21.05 -1.95 10.60
N ASN B 7 -22.21 -1.76 9.99
CA ASN B 7 -23.12 -2.86 9.68
C ASN B 7 -23.05 -3.12 8.18
N PHE B 8 -22.57 -4.30 7.80
CA PHE B 8 -22.35 -4.63 6.40
C PHE B 8 -23.03 -5.95 6.06
N PHE B 9 -23.27 -6.15 4.76
CA PHE B 9 -23.70 -7.45 4.29
C PHE B 9 -22.61 -8.48 4.55
N PRO B 10 -22.98 -9.74 4.77
CA PRO B 10 -21.95 -10.78 4.86
C PRO B 10 -21.08 -10.86 3.62
N SER B 11 -21.67 -10.65 2.44
CA SER B 11 -20.90 -10.66 1.20
C SER B 11 -19.86 -9.54 1.21
N SER B 12 -20.29 -8.32 1.54
CA SER B 12 -19.34 -7.21 1.62
C SER B 12 -18.24 -7.51 2.64
N THR B 13 -18.61 -8.04 3.80
CA THR B 13 -17.62 -8.34 4.83
C THR B 13 -16.64 -9.42 4.36
N LEU B 14 -17.17 -10.51 3.78
CA LEU B 14 -16.31 -11.62 3.39
C LEU B 14 -15.47 -11.29 2.16
N ALA B 15 -15.95 -10.40 1.29
CA ALA B 15 -15.14 -9.98 0.15
C ALA B 15 -13.89 -9.23 0.60
N ALA B 16 -14.05 -8.32 1.56
CA ALA B 16 -12.90 -7.60 2.09
C ALA B 16 -11.94 -8.55 2.82
N VAL B 17 -12.49 -9.54 3.53
CA VAL B 17 -11.65 -10.52 4.20
C VAL B 17 -10.91 -11.39 3.19
N TYR B 18 -11.61 -11.81 2.13
CA TYR B 18 -11.00 -12.63 1.10
C TYR B 18 -9.91 -11.87 0.35
N TYR B 19 -10.12 -10.56 0.15
CA TYR B 19 -9.14 -9.75 -0.55
C TYR B 19 -7.85 -9.60 0.25
N GLU B 20 -7.97 -9.32 1.54
CA GLU B 20 -6.78 -9.09 2.36
C GLU B 20 -6.02 -10.38 2.61
N ASN B 21 -6.71 -11.52 2.60
CA ASN B 21 -6.08 -12.79 2.96
C ASN B 21 -5.36 -13.44 1.79
N PHE B 22 -6.03 -13.57 0.65
CA PHE B 22 -5.49 -14.37 -0.44
C PHE B 22 -5.27 -13.62 -1.75
N ILE B 23 -5.73 -12.37 -1.85
CA ILE B 23 -5.67 -11.61 -3.09
C ILE B 23 -4.66 -10.46 -3.01
N LYS B 24 -4.87 -9.54 -2.07
CA LYS B 24 -3.98 -8.39 -1.96
C LYS B 24 -2.52 -8.76 -1.71
N PRO B 25 -2.19 -9.76 -0.87
CA PRO B 25 -0.76 -10.14 -0.76
C PRO B 25 -0.16 -10.61 -2.08
N THR B 26 -0.94 -11.35 -2.89
CA THR B 26 -0.41 -11.82 -4.15
C THR B 26 -0.24 -10.67 -5.14
N CYS B 27 -1.18 -9.73 -5.16
CA CYS B 27 -1.10 -8.62 -6.10
C CYS B 27 0.03 -7.66 -5.72
N SER B 28 0.23 -7.42 -4.42
CA SER B 28 1.32 -6.54 -4.01
C SER B 28 2.67 -7.13 -4.38
N HIS B 29 2.85 -8.43 -4.18
CA HIS B 29 4.12 -9.06 -4.52
C HIS B 29 4.41 -8.99 -6.02
N ILE B 30 3.38 -9.20 -6.84
CA ILE B 30 3.59 -9.20 -8.30
C ILE B 30 4.01 -7.83 -8.79
N ILE B 31 3.38 -6.76 -8.28
CA ILE B 31 3.73 -5.42 -8.72
C ILE B 31 5.08 -5.00 -8.15
N ASN B 32 5.41 -5.43 -6.92
CA ASN B 32 6.70 -5.08 -6.33
C ASN B 32 7.85 -5.66 -7.16
N ASN B 33 7.75 -6.92 -7.54
CA ASN B 33 8.80 -7.61 -8.27
C ASN B 33 8.60 -7.55 -9.78
N GLY B 34 7.60 -6.81 -10.26
CA GLY B 34 7.29 -6.81 -11.67
C GLY B 34 6.82 -8.14 -12.20
N GLY B 35 6.39 -9.02 -11.32
CA GLY B 35 5.95 -10.35 -11.73
C GLY B 35 6.15 -11.33 -10.58
N LEU B 36 5.80 -12.58 -10.87
CA LEU B 36 5.89 -13.64 -9.88
C LEU B 36 7.33 -14.18 -9.83
N LEU B 37 7.90 -14.20 -8.64
CA LEU B 37 9.30 -14.59 -8.45
C LEU B 37 9.38 -15.90 -7.69
N ASP B 38 10.26 -16.78 -8.16
CA ASP B 38 10.49 -18.10 -7.55
C ASP B 38 10.68 -18.05 -6.04
N ILE B 43 11.33 -15.96 -12.32
CA ILE B 43 10.55 -14.75 -12.54
C ILE B 43 9.64 -14.92 -13.75
N TYR B 44 8.36 -14.55 -13.58
CA TYR B 44 7.36 -14.64 -14.63
C TYR B 44 6.81 -13.24 -14.88
N LYS B 45 6.92 -12.77 -16.11
CA LYS B 45 6.55 -11.38 -16.41
C LYS B 45 5.04 -11.18 -16.46
N LYS B 46 4.32 -12.09 -17.11
CA LYS B 46 2.88 -11.98 -17.28
C LYS B 46 2.17 -12.82 -16.22
N CYS B 47 1.30 -12.18 -15.43
CA CYS B 47 0.60 -12.84 -14.35
C CYS B 47 -0.87 -12.51 -14.38
N THR B 48 -1.70 -13.52 -14.08
CA THR B 48 -3.14 -13.35 -13.97
C THR B 48 -3.62 -14.15 -12.77
N ILE B 49 -4.45 -13.52 -11.95
CA ILE B 49 -5.11 -14.20 -10.83
C ILE B 49 -6.54 -14.48 -11.26
N LYS B 50 -6.85 -15.75 -11.52
CA LYS B 50 -8.15 -16.17 -12.00
C LYS B 50 -8.99 -16.61 -10.80
N ILE B 51 -10.05 -15.86 -10.51
CA ILE B 51 -10.94 -16.12 -9.40
C ILE B 51 -12.23 -16.69 -9.97
N ILE B 52 -12.46 -17.98 -9.74
CA ILE B 52 -13.61 -18.68 -10.32
C ILE B 52 -14.79 -18.55 -9.39
N ILE B 53 -15.91 -18.07 -9.93
CA ILE B 53 -17.14 -17.83 -9.17
C ILE B 53 -18.18 -18.83 -9.64
N PRO B 54 -18.87 -19.54 -8.76
CA PRO B 54 -19.97 -20.41 -9.18
C PRO B 54 -21.13 -19.59 -9.72
N LYS B 55 -21.89 -20.21 -10.62
CA LYS B 55 -23.02 -19.52 -11.24
C LYS B 55 -24.13 -19.25 -10.22
N LYS B 56 -24.34 -20.17 -9.29
CA LYS B 56 -25.33 -20.03 -8.24
C LYS B 56 -24.69 -20.27 -6.89
N LEU B 57 -25.26 -19.66 -5.85
CA LEU B 57 -24.88 -19.90 -4.47
C LEU B 57 -25.90 -20.85 -3.86
N THR B 58 -25.50 -22.09 -3.62
CA THR B 58 -26.39 -23.11 -3.09
C THR B 58 -25.77 -23.73 -1.83
N SER B 59 -26.60 -24.52 -1.14
CA SER B 59 -26.09 -25.26 0.02
C SER B 59 -24.98 -26.20 -0.42
N ASP B 60 -24.01 -26.40 0.48
CA ASP B 60 -22.78 -27.12 0.18
C ASP B 60 -22.03 -26.48 -1.00
N VAL B 61 -21.60 -25.23 -0.77
CA VAL B 61 -20.73 -24.56 -1.73
C VAL B 61 -19.44 -25.34 -1.89
N ASN B 62 -19.04 -26.07 -0.85
CA ASN B 62 -17.83 -26.88 -0.92
C ASN B 62 -17.94 -27.97 -1.96
N SER B 63 -19.14 -28.53 -2.17
CA SER B 63 -19.33 -29.50 -3.23
C SER B 63 -19.17 -28.85 -4.59
N GLN B 64 -19.71 -27.65 -4.77
CA GLN B 64 -19.56 -26.93 -6.03
C GLN B 64 -18.09 -26.70 -6.34
N PHE B 65 -17.33 -26.23 -5.35
CA PHE B 65 -15.91 -25.98 -5.59
C PHE B 65 -15.11 -27.27 -5.69
N GLN B 66 -15.54 -28.34 -5.00
CA GLN B 66 -14.84 -29.61 -5.14
C GLN B 66 -14.99 -30.15 -6.55
N ARG B 67 -16.17 -30.01 -7.16
CA ARG B 67 -16.36 -30.42 -8.54
C ARG B 67 -15.61 -29.52 -9.51
N ILE B 68 -15.45 -28.24 -9.16
CA ILE B 68 -14.73 -27.31 -10.05
C ILE B 68 -13.23 -27.54 -9.97
N LYS B 69 -12.69 -27.75 -8.78
CA LYS B 69 -11.25 -27.96 -8.64
C LYS B 69 -10.77 -29.18 -9.41
N ALA B 70 -11.62 -30.22 -9.53
CA ALA B 70 -11.20 -31.43 -10.23
C ALA B 70 -11.03 -31.17 -11.72
N LYS B 71 -11.81 -30.23 -12.28
CA LYS B 71 -11.72 -29.92 -13.71
C LYS B 71 -10.48 -29.13 -14.07
N ILE B 72 -9.75 -28.59 -13.09
CA ILE B 72 -8.58 -27.76 -13.34
C ILE B 72 -7.35 -28.47 -12.79
N GLU B 73 -6.25 -28.40 -13.53
CA GLU B 73 -4.98 -29.01 -13.17
C GLU B 73 -4.02 -27.91 -12.73
N THR B 74 -3.53 -28.00 -11.50
CA THR B 74 -2.70 -26.95 -10.93
C THR B 74 -1.40 -27.50 -10.40
N LYS B 75 -0.34 -26.68 -10.50
CA LYS B 75 0.95 -26.95 -9.91
C LYS B 75 1.15 -26.03 -8.72
N GLU B 76 1.84 -26.51 -7.69
CA GLU B 76 2.02 -25.73 -6.48
C GLU B 76 3.28 -24.89 -6.58
N LEU B 77 3.16 -23.60 -6.23
CA LEU B 77 4.27 -22.66 -6.27
C LEU B 77 4.36 -21.93 -4.94
N SER B 78 5.51 -21.33 -4.69
CA SER B 78 5.77 -20.66 -3.42
C SER B 78 6.54 -19.37 -3.66
N PHE B 79 6.16 -18.33 -2.92
CA PHE B 79 6.89 -17.07 -2.92
C PHE B 79 6.83 -16.47 -1.52
N GLU B 80 7.92 -15.85 -1.10
CA GLU B 80 8.00 -15.26 0.23
C GLU B 80 7.51 -13.82 0.21
N TYR B 81 6.79 -13.43 1.26
CA TYR B 81 6.20 -12.10 1.36
C TYR B 81 5.89 -11.82 2.81
N LEU B 82 6.38 -10.68 3.33
CA LEU B 82 6.15 -10.29 4.73
C LEU B 82 6.70 -11.35 5.69
N GLY B 83 7.91 -11.83 5.41
CA GLY B 83 8.52 -12.86 6.23
C GLY B 83 7.77 -14.16 6.24
N ARG B 84 6.88 -14.38 5.28
CA ARG B 84 6.02 -15.55 5.23
C ARG B 84 6.16 -16.22 3.86
N PRO B 85 6.47 -17.51 3.81
CA PRO B 85 6.32 -18.25 2.56
C PRO B 85 4.84 -18.47 2.25
N ARG B 86 4.42 -18.08 1.05
CA ARG B 86 3.03 -18.19 0.64
C ARG B 86 2.92 -19.08 -0.59
N ASN B 87 1.97 -20.01 -0.56
CA ASN B 87 1.81 -21.00 -1.61
C ASN B 87 0.55 -20.70 -2.43
N ILE B 88 0.66 -20.90 -3.74
CA ILE B 88 -0.43 -20.64 -4.67
C ILE B 88 -0.51 -21.79 -5.66
N ASN B 89 -1.71 -22.00 -6.20
CA ASN B 89 -1.95 -23.00 -7.23
C ASN B 89 -1.95 -22.29 -8.59
N VAL B 90 -1.01 -22.67 -9.45
CA VAL B 90 -0.85 -22.03 -10.75
C VAL B 90 -1.11 -23.03 -11.86
N GLU B 91 -1.48 -22.50 -13.02
CA GLU B 91 -1.88 -23.31 -14.16
C GLU B 91 -0.96 -23.08 -15.35
N VAL B 99 1.46 -17.12 -16.77
CA VAL B 99 1.18 -17.78 -15.50
C VAL B 99 -0.23 -17.45 -15.02
N ILE B 101 -2.62 -17.84 -11.85
CA ILE B 101 -2.87 -18.14 -10.44
C ILE B 101 -4.35 -18.43 -10.26
N ILE B 102 -4.66 -19.66 -9.84
CA ILE B 102 -6.04 -20.11 -9.70
C ILE B 102 -6.39 -20.12 -8.21
N ASP B 103 -7.46 -19.39 -7.87
CA ASP B 103 -7.92 -19.31 -6.48
C ASP B 103 -9.42 -19.50 -6.44
N PHE B 104 -9.88 -20.39 -5.56
CA PHE B 104 -11.29 -20.70 -5.43
C PHE B 104 -11.85 -20.07 -4.17
N PRO B 105 -12.77 -19.11 -4.26
CA PRO B 105 -13.32 -18.48 -3.06
C PRO B 105 -14.25 -19.39 -2.29
N THR B 106 -13.70 -20.39 -1.58
CA THR B 106 -14.55 -21.23 -0.75
C THR B 106 -15.23 -20.45 0.36
N ILE B 107 -14.78 -19.23 0.64
CA ILE B 107 -15.38 -18.39 1.66
C ILE B 107 -16.81 -17.99 1.35
N LEU B 108 -17.28 -18.27 0.13
CA LEU B 108 -18.65 -17.96 -0.25
C LEU B 108 -19.67 -18.77 0.54
N SER B 109 -19.26 -19.92 1.11
CA SER B 109 -20.16 -20.66 1.98
C SER B 109 -20.49 -19.88 3.24
N GLY B 110 -19.62 -18.95 3.64
CA GLY B 110 -19.84 -18.17 4.85
C GLY B 110 -20.96 -17.16 4.72
N ILE B 111 -21.33 -16.79 3.49
CA ILE B 111 -22.46 -15.89 3.28
C ILE B 111 -23.74 -16.51 3.82
N ASN B 112 -24.00 -17.77 3.46
CA ASN B 112 -25.18 -18.46 3.97
C ASN B 112 -25.02 -18.83 5.44
N TYR B 113 -23.78 -19.06 5.88
CA TYR B 113 -23.54 -19.31 7.30
C TYR B 113 -23.94 -18.12 8.15
N ALA B 114 -23.58 -16.91 7.70
CA ALA B 114 -23.90 -15.71 8.47
C ALA B 114 -25.40 -15.47 8.51
N ILE B 115 -26.05 -15.54 7.35
CA ILE B 115 -27.48 -15.24 7.27
C ILE B 115 -28.29 -16.23 8.10
N SER B 116 -27.99 -17.52 8.00
CA SER B 116 -28.80 -18.52 8.67
C SER B 116 -28.66 -18.44 10.19
N ASN B 117 -27.45 -18.16 10.68
CA ASN B 117 -27.21 -18.15 12.11
C ASN B 117 -27.52 -16.81 12.77
N LEU B 118 -27.53 -15.72 12.01
CA LEU B 118 -27.77 -14.40 12.57
C LEU B 118 -29.18 -13.90 12.31
N LEU B 119 -29.97 -14.61 11.50
CA LEU B 119 -31.37 -14.25 11.32
C LEU B 119 -32.27 -15.13 12.18
N PRO B 120 -33.30 -14.54 12.80
CA PRO B 120 -34.30 -15.29 13.58
C PRO B 120 -35.20 -16.14 12.70
N VAL B 128 -36.87 -20.03 -2.21
CA VAL B 128 -37.39 -19.19 -3.28
C VAL B 128 -36.89 -17.76 -3.11
N ASP B 129 -37.42 -17.06 -2.09
CA ASP B 129 -36.89 -15.74 -1.77
C ASP B 129 -35.49 -15.85 -1.20
N TYR B 130 -35.18 -16.96 -0.52
CA TYR B 130 -33.83 -17.16 -0.02
C TYR B 130 -32.84 -17.39 -1.15
N GLU B 131 -33.25 -18.14 -2.18
CA GLU B 131 -32.39 -18.31 -3.35
C GLU B 131 -32.19 -17.00 -4.09
N ALA B 132 -33.18 -16.11 -4.05
CA ALA B 132 -32.99 -14.77 -4.60
C ALA B 132 -32.06 -13.95 -3.73
N ILE B 133 -32.13 -14.12 -2.40
CA ILE B 133 -31.25 -13.37 -1.51
C ILE B 133 -29.80 -13.76 -1.74
N LEU B 134 -29.55 -15.07 -1.94
CA LEU B 134 -28.19 -15.52 -2.19
C LEU B 134 -27.67 -15.04 -3.54
N SER B 135 -28.54 -14.92 -4.54
CA SER B 135 -28.08 -14.40 -5.83
C SER B 135 -27.66 -12.94 -5.72
N ARG B 136 -28.33 -12.17 -4.87
CA ARG B 136 -27.92 -10.78 -4.67
C ARG B 136 -26.62 -10.71 -3.89
N GLU B 137 -26.42 -11.62 -2.93
CA GLU B 137 -25.21 -11.61 -2.14
C GLU B 137 -23.99 -12.01 -2.97
N LEU B 138 -24.17 -12.96 -3.89
CA LEU B 138 -23.07 -13.36 -4.77
C LEU B 138 -22.66 -12.20 -5.69
N GLU B 139 -23.64 -11.42 -6.14
CA GLU B 139 -23.32 -10.23 -6.93
C GLU B 139 -22.51 -9.23 -6.12
N ARG B 140 -22.98 -8.90 -4.91
CA ARG B 140 -22.30 -7.92 -4.09
C ARG B 140 -20.89 -8.38 -3.72
N PHE B 141 -20.68 -9.68 -3.54
CA PHE B 141 -19.34 -10.20 -3.29
C PHE B 141 -18.42 -9.89 -4.46
N VAL B 142 -18.89 -10.14 -5.68
CA VAL B 142 -18.05 -9.94 -6.86
C VAL B 142 -17.80 -8.46 -7.10
N TYR B 143 -18.84 -7.63 -6.96
CA TYR B 143 -18.68 -6.20 -7.18
C TYR B 143 -17.82 -5.56 -6.11
N THR B 144 -17.85 -6.07 -4.88
CA THR B 144 -16.97 -5.55 -3.84
C THR B 144 -15.51 -5.83 -4.19
N LEU B 145 -15.23 -7.01 -4.73
CA LEU B 145 -13.87 -7.35 -5.15
C LEU B 145 -13.40 -6.44 -6.28
N LYS B 146 -14.27 -6.20 -7.27
CA LYS B 146 -13.89 -5.33 -8.38
C LYS B 146 -13.61 -3.92 -7.89
N LYS B 147 -14.36 -3.45 -6.88
CA LYS B 147 -14.19 -2.09 -6.40
C LYS B 147 -12.86 -1.91 -5.68
N ILE B 148 -12.55 -2.77 -4.72
CA ILE B 148 -11.30 -2.61 -3.97
C ILE B 148 -10.09 -2.89 -4.86
N ALA B 149 -10.22 -3.82 -5.81
CA ALA B 149 -9.15 -4.04 -6.77
C ALA B 149 -8.94 -2.81 -7.64
N LEU B 150 -10.03 -2.23 -8.14
CA LEU B 150 -9.95 -0.98 -8.88
C LEU B 150 -9.29 0.11 -8.04
N ARG B 151 -9.63 0.16 -6.75
CA ARG B 151 -9.10 1.19 -5.88
C ARG B 151 -7.58 1.07 -5.75
N ASP B 152 -7.08 -0.15 -5.62
CA ASP B 152 -5.66 -0.40 -5.39
C ASP B 152 -4.87 -0.57 -6.68
N GLY B 153 -5.50 -0.41 -7.84
CA GLY B 153 -4.80 -0.52 -9.10
C GLY B 153 -4.48 -1.94 -9.53
N PHE B 154 -5.29 -2.91 -9.10
CA PHE B 154 -5.05 -4.33 -9.38
C PHE B 154 -6.07 -4.91 -10.36
N ASP B 155 -6.79 -4.07 -11.11
CA ASP B 155 -7.88 -4.57 -11.94
C ASP B 155 -7.38 -5.38 -13.12
N ASP B 156 -6.21 -5.04 -13.66
CA ASP B 156 -5.64 -5.84 -14.74
C ASP B 156 -5.01 -7.14 -14.25
N LEU B 157 -4.76 -7.26 -12.94
CA LEU B 157 -4.18 -8.47 -12.39
C LEU B 157 -5.23 -9.52 -12.06
N ILE B 158 -6.42 -9.07 -11.65
CA ILE B 158 -7.47 -9.94 -11.13
C ILE B 158 -8.50 -10.14 -12.23
N LYS B 159 -8.82 -11.39 -12.54
CA LYS B 159 -9.85 -11.73 -13.52
C LYS B 159 -10.86 -12.65 -12.86
N ILE B 160 -12.10 -12.18 -12.73
CA ILE B 160 -13.18 -13.00 -12.22
C ILE B 160 -13.85 -13.70 -13.40
N VAL B 161 -13.97 -15.03 -13.29
CA VAL B 161 -14.61 -15.84 -14.33
C VAL B 161 -15.65 -16.74 -13.67
N ASP B 162 -16.62 -17.15 -14.48
CA ASP B 162 -17.66 -18.07 -14.04
C ASP B 162 -17.28 -19.51 -14.41
N GLU B 163 -18.13 -20.45 -14.01
CA GLU B 163 -17.90 -21.87 -14.30
C GLU B 163 -17.82 -22.12 -15.81
N ASN C 2 35.19 9.68 5.97
CA ASN C 2 34.72 11.05 5.79
C ASN C 2 33.37 11.07 5.10
N ASP C 3 33.06 9.99 4.37
CA ASP C 3 31.80 9.90 3.66
C ASP C 3 30.63 9.60 4.58
N SER C 4 30.88 9.18 5.82
CA SER C 4 29.79 8.94 6.76
C SER C 4 29.04 10.21 7.10
N ASP C 5 29.69 11.37 6.96
CA ASP C 5 29.03 12.64 7.21
C ASP C 5 27.99 12.94 6.14
N ILE C 6 28.27 12.53 4.89
CA ILE C 6 27.41 12.88 3.76
C ILE C 6 26.29 11.88 3.55
N ASN C 7 26.31 10.74 4.24
CA ASN C 7 25.23 9.77 4.14
C ASN C 7 24.04 10.24 4.97
N PHE C 8 22.95 10.59 4.31
CA PHE C 8 21.74 11.07 4.97
C PHE C 8 20.58 10.14 4.67
N PHE C 9 19.51 10.29 5.47
CA PHE C 9 18.27 9.61 5.15
C PHE C 9 17.70 10.19 3.85
N PRO C 10 16.94 9.39 3.09
CA PRO C 10 16.35 9.94 1.85
C PRO C 10 15.38 11.08 2.11
N SER C 11 14.59 10.98 3.18
CA SER C 11 13.67 12.06 3.52
C SER C 11 14.43 13.36 3.80
N SER C 12 15.54 13.27 4.53
CA SER C 12 16.33 14.47 4.79
C SER C 12 16.89 15.05 3.49
N THR C 13 17.30 14.18 2.56
CA THR C 13 17.81 14.66 1.28
C THR C 13 16.71 15.38 0.49
N LEU C 14 15.49 14.86 0.53
CA LEU C 14 14.40 15.47 -0.23
C LEU C 14 13.82 16.68 0.48
N ALA C 15 13.88 16.71 1.81
CA ALA C 15 13.45 17.91 2.53
C ALA C 15 14.31 19.10 2.15
N ALA C 16 15.63 18.91 2.06
CA ALA C 16 16.50 20.00 1.65
C ALA C 16 16.27 20.37 0.18
N VAL C 17 15.95 19.38 -0.66
CA VAL C 17 15.64 19.68 -2.05
C VAL C 17 14.32 20.43 -2.16
N TYR C 18 13.31 19.97 -1.41
CA TYR C 18 12.04 20.67 -1.39
C TYR C 18 12.20 22.08 -0.84
N TYR C 19 13.10 22.26 0.14
CA TYR C 19 13.30 23.56 0.76
C TYR C 19 13.94 24.54 -0.21
N GLU C 20 15.05 24.14 -0.85
CA GLU C 20 15.77 25.05 -1.73
C GLU C 20 15.02 25.33 -3.02
N ASN C 21 14.12 24.44 -3.45
CA ASN C 21 13.39 24.65 -4.69
C ASN C 21 12.14 25.51 -4.53
N PHE C 22 11.45 25.42 -3.39
CA PHE C 22 10.21 26.16 -3.24
C PHE C 22 10.14 26.96 -1.96
N ILE C 23 10.43 26.32 -0.82
CA ILE C 23 10.20 26.97 0.47
C ILE C 23 11.12 28.16 0.64
N LYS C 24 12.43 27.94 0.50
CA LYS C 24 13.38 29.02 0.73
C LYS C 24 13.22 30.18 -0.26
N PRO C 25 13.01 29.98 -1.57
CA PRO C 25 12.77 31.13 -2.43
C PRO C 25 11.54 31.93 -2.02
N THR C 26 10.43 31.25 -1.71
CA THR C 26 9.23 31.97 -1.32
C THR C 26 9.41 32.68 0.02
N CYS C 27 10.09 32.05 0.96
CA CYS C 27 10.31 32.67 2.27
C CYS C 27 11.20 33.90 2.16
N SER C 28 12.25 33.82 1.35
CA SER C 28 13.11 34.99 1.17
C SER C 28 12.36 36.15 0.53
N HIS C 29 11.49 35.85 -0.45
CA HIS C 29 10.74 36.91 -1.10
C HIS C 29 9.81 37.62 -0.12
N ILE C 30 9.23 36.88 0.81
CA ILE C 30 8.33 37.47 1.81
C ILE C 30 9.12 38.36 2.77
N ILE C 31 10.27 37.88 3.24
CA ILE C 31 11.10 38.68 4.12
C ILE C 31 11.58 39.95 3.42
N ASN C 32 11.91 39.82 2.14
CA ASN C 32 12.46 40.96 1.39
C ASN C 32 11.47 42.12 1.35
N ASN C 33 10.21 41.84 1.06
CA ASN C 33 9.19 42.87 0.85
C ASN C 33 8.27 43.06 2.05
N GLY C 34 8.59 42.44 3.18
CA GLY C 34 7.66 42.48 4.31
C GLY C 34 6.32 41.88 3.98
N GLY C 35 6.29 40.88 3.12
CA GLY C 35 5.04 40.27 2.67
C GLY C 35 5.21 39.75 1.25
N LEU C 36 4.08 39.33 0.67
CA LEU C 36 4.05 38.76 -0.66
C LEU C 36 3.69 39.86 -1.66
N LEU C 37 4.65 40.21 -2.52
CA LEU C 37 4.44 41.21 -3.56
C LEU C 37 4.03 40.48 -4.83
N ASP C 38 2.79 40.65 -5.25
CA ASP C 38 2.28 39.91 -6.39
C ASP C 38 2.64 40.61 -7.70
N LYS C 39 2.18 40.05 -8.81
CA LYS C 39 2.52 40.59 -10.13
C LYS C 39 1.88 41.95 -10.38
N ASN C 40 0.88 42.34 -9.60
CA ASN C 40 0.21 43.62 -9.79
C ASN C 40 0.65 44.66 -8.78
N GLY C 41 1.73 44.41 -8.04
CA GLY C 41 2.27 45.38 -7.13
C GLY C 41 1.66 45.43 -5.75
N TYR C 42 0.71 44.54 -5.45
CA TYR C 42 0.07 44.53 -4.14
C TYR C 42 0.88 43.68 -3.16
N ILE C 43 0.98 44.15 -1.92
CA ILE C 43 1.80 43.50 -0.90
C ILE C 43 0.87 42.96 0.18
N TYR C 44 0.72 41.63 0.21
CA TYR C 44 0.00 40.96 1.28
C TYR C 44 0.94 40.88 2.49
N LYS C 45 0.59 41.61 3.57
CA LYS C 45 1.55 41.81 4.65
C LYS C 45 1.64 40.62 5.59
N LYS C 46 0.58 39.85 5.78
CA LYS C 46 0.60 38.66 6.63
C LYS C 46 0.41 37.45 5.74
N CYS C 47 1.52 36.82 5.34
CA CYS C 47 1.52 35.71 4.41
C CYS C 47 2.40 34.59 4.96
N THR C 48 1.87 33.37 4.96
CA THR C 48 2.62 32.19 5.38
C THR C 48 2.44 31.08 4.36
N ILE C 49 3.29 30.07 4.45
CA ILE C 49 3.23 28.88 3.61
C ILE C 49 2.67 27.74 4.44
N LYS C 50 1.57 27.15 3.98
CA LYS C 50 0.98 25.99 4.63
C LYS C 50 1.30 24.76 3.79
N ILE C 51 2.08 23.85 4.37
CA ILE C 51 2.52 22.63 3.71
C ILE C 51 1.61 21.49 4.17
N ILE C 52 0.90 20.89 3.23
CA ILE C 52 -0.07 19.83 3.53
C ILE C 52 0.59 18.48 3.28
N ILE C 53 0.67 17.66 4.32
CA ILE C 53 1.22 16.31 4.21
C ILE C 53 0.11 15.29 4.46
N PRO C 54 0.18 14.09 3.89
CA PRO C 54 -0.83 13.07 4.21
C PRO C 54 -0.62 12.52 5.62
N LYS C 55 -1.68 11.91 6.15
CA LYS C 55 -1.61 11.30 7.47
C LYS C 55 -0.55 10.19 7.50
N LYS C 56 -0.62 9.26 6.55
CA LYS C 56 0.43 8.26 6.36
C LYS C 56 0.84 8.26 4.90
N LEU C 57 2.06 7.83 4.66
CA LEU C 57 2.63 7.78 3.31
C LEU C 57 3.00 6.33 3.01
N THR C 58 2.32 5.74 2.02
CA THR C 58 2.57 4.35 1.65
C THR C 58 2.18 4.18 0.18
N SER C 59 3.14 4.45 -0.70
CA SER C 59 3.04 4.18 -2.14
C SER C 59 1.97 5.02 -2.83
N ASP C 60 2.18 5.26 -4.13
CA ASP C 60 1.26 6.03 -4.97
C ASP C 60 0.86 7.34 -4.29
N VAL C 61 1.87 8.11 -3.90
CA VAL C 61 1.63 9.36 -3.19
C VAL C 61 0.95 10.38 -4.11
N ASN C 62 1.14 10.24 -5.42
CA ASN C 62 0.53 11.19 -6.34
C ASN C 62 -0.98 11.02 -6.39
N SER C 63 -1.49 9.81 -6.11
CA SER C 63 -2.93 9.62 -6.00
C SER C 63 -3.47 10.21 -4.70
N GLN C 64 -2.68 10.13 -3.63
CA GLN C 64 -3.12 10.70 -2.36
C GLN C 64 -3.25 12.22 -2.45
N PHE C 65 -2.29 12.88 -3.09
CA PHE C 65 -2.28 14.34 -3.09
C PHE C 65 -3.39 14.91 -3.94
N GLN C 66 -3.69 14.29 -5.08
CA GLN C 66 -4.83 14.72 -5.89
C GLN C 66 -6.12 14.61 -5.09
N ARG C 67 -6.24 13.58 -4.25
CA ARG C 67 -7.40 13.45 -3.38
C ARG C 67 -7.44 14.55 -2.33
N ILE C 68 -6.26 14.98 -1.85
CA ILE C 68 -6.20 16.05 -0.85
C ILE C 68 -6.35 17.42 -1.52
N LYS C 69 -5.61 17.63 -2.62
CA LYS C 69 -5.66 18.92 -3.32
C LYS C 69 -7.07 19.24 -3.81
N ALA C 70 -7.88 18.21 -4.06
CA ALA C 70 -9.24 18.43 -4.54
C ALA C 70 -10.10 19.12 -3.49
N LYS C 71 -9.97 18.71 -2.23
CA LYS C 71 -10.81 19.26 -1.16
C LYS C 71 -10.45 20.71 -0.86
N ILE C 72 -9.20 21.11 -1.09
CA ILE C 72 -8.79 22.49 -0.89
C ILE C 72 -9.17 23.31 -2.11
N GLU C 73 -9.69 24.51 -1.89
CA GLU C 73 -10.04 25.41 -2.98
C GLU C 73 -9.12 26.62 -2.93
N THR C 74 -8.31 26.79 -3.98
CA THR C 74 -7.32 27.84 -4.04
C THR C 74 -7.47 28.65 -5.32
N LYS C 75 -6.92 29.86 -5.29
CA LYS C 75 -6.78 30.70 -6.47
C LYS C 75 -5.30 30.99 -6.69
N GLU C 76 -4.98 31.38 -7.93
CA GLU C 76 -3.59 31.48 -8.38
C GLU C 76 -3.09 32.92 -8.28
N LEU C 77 -1.90 33.08 -7.71
CA LEU C 77 -1.19 34.35 -7.71
C LEU C 77 0.18 34.14 -8.35
N SER C 78 0.91 35.24 -8.52
CA SER C 78 2.22 35.18 -9.16
C SER C 78 3.10 36.28 -8.58
N PHE C 79 4.34 35.92 -8.24
CA PHE C 79 5.32 36.86 -7.75
C PHE C 79 6.65 36.62 -8.46
N GLU C 80 7.59 37.53 -8.23
CA GLU C 80 8.88 37.50 -8.90
C GLU C 80 9.98 37.41 -7.86
N TYR C 81 10.90 36.45 -8.03
CA TYR C 81 12.06 36.31 -7.17
C TYR C 81 13.28 36.06 -8.05
N LEU C 82 14.29 36.92 -7.92
CA LEU C 82 15.53 36.82 -8.68
C LEU C 82 15.25 36.76 -10.18
N GLY C 83 14.30 37.57 -10.63
CA GLY C 83 13.96 37.68 -12.02
C GLY C 83 12.96 36.65 -12.51
N ARG C 84 12.91 35.47 -11.89
CA ARG C 84 12.03 34.41 -12.37
C ARG C 84 10.62 34.59 -11.82
N PRO C 85 9.58 34.36 -12.65
CA PRO C 85 8.21 34.41 -12.13
C PRO C 85 7.75 33.09 -11.56
N ARG C 86 7.24 33.11 -10.33
CA ARG C 86 6.77 31.91 -9.65
C ARG C 86 5.26 31.97 -9.49
N ASN C 87 4.60 30.83 -9.66
CA ASN C 87 3.16 30.70 -9.51
C ASN C 87 2.84 29.94 -8.23
N ILE C 88 1.90 30.46 -7.43
CA ILE C 88 1.53 29.87 -6.16
C ILE C 88 0.02 29.74 -6.08
N ASN C 89 -0.42 28.83 -5.23
CA ASN C 89 -1.83 28.61 -4.94
C ASN C 89 -2.13 29.13 -3.55
N VAL C 90 -2.92 30.20 -3.46
CA VAL C 90 -3.18 30.85 -2.19
C VAL C 90 -4.58 30.51 -1.71
N GLU C 91 -4.80 30.74 -0.41
CA GLU C 91 -6.11 30.65 0.21
C GLU C 91 -6.21 31.81 1.18
N ILE C 92 -7.01 32.82 0.85
CA ILE C 92 -7.08 34.02 1.67
C ILE C 92 -8.02 33.78 2.84
N ILE C 93 -7.56 34.10 4.04
CA ILE C 93 -8.38 34.08 5.24
C ILE C 93 -8.69 35.52 5.63
N ALA C 94 -9.77 36.07 5.07
CA ALA C 94 -10.08 37.49 5.26
C ALA C 94 -10.41 37.80 6.71
N GLU C 95 -10.98 36.84 7.45
CA GLU C 95 -11.30 37.05 8.85
C GLU C 95 -10.06 37.28 9.71
N ASP C 96 -8.90 36.79 9.28
CA ASP C 96 -7.66 37.00 10.01
C ASP C 96 -6.69 37.92 9.29
N GLY C 97 -7.06 38.42 8.10
CA GLY C 97 -6.14 39.24 7.33
C GLY C 97 -4.89 38.52 6.89
N GLU C 98 -4.98 37.21 6.65
CA GLU C 98 -3.83 36.39 6.31
C GLU C 98 -3.98 35.79 4.92
N VAL C 99 -2.84 35.46 4.32
CA VAL C 99 -2.77 34.76 3.04
C VAL C 99 -1.99 33.47 3.25
N ILE C 101 -0.14 30.43 1.41
CA ILE C 101 0.41 29.81 0.21
C ILE C 101 0.34 28.31 0.39
N ILE C 102 -0.59 27.67 -0.33
CA ILE C 102 -0.80 26.23 -0.20
C ILE C 102 0.19 25.50 -1.11
N ASP C 103 0.86 24.50 -0.55
CA ASP C 103 1.79 23.67 -1.32
C ASP C 103 1.68 22.23 -0.85
N PHE C 104 1.72 21.30 -1.80
CA PHE C 104 1.67 19.88 -1.50
C PHE C 104 3.01 19.24 -1.89
N PRO C 105 3.83 18.84 -0.93
CA PRO C 105 5.13 18.26 -1.27
C PRO C 105 5.03 16.92 -1.97
N THR C 106 4.72 16.94 -3.27
CA THR C 106 4.67 15.72 -4.08
C THR C 106 6.03 15.06 -4.21
N ILE C 107 7.10 15.74 -3.77
CA ILE C 107 8.42 15.13 -3.74
C ILE C 107 8.48 13.98 -2.74
N LEU C 108 7.48 13.86 -1.86
CA LEU C 108 7.47 12.78 -0.88
C LEU C 108 7.51 11.40 -1.54
N SER C 109 7.05 11.29 -2.79
CA SER C 109 7.09 10.01 -3.48
C SER C 109 8.51 9.53 -3.72
N GLY C 110 9.51 10.39 -3.54
CA GLY C 110 10.89 9.98 -3.72
C GLY C 110 11.47 9.20 -2.56
N ILE C 111 10.80 9.24 -1.40
CA ILE C 111 11.26 8.44 -0.27
C ILE C 111 11.15 6.96 -0.59
N ASN C 112 9.99 6.54 -1.11
CA ASN C 112 9.82 5.15 -1.51
C ASN C 112 10.65 4.82 -2.74
N TYR C 113 10.82 5.78 -3.65
CA TYR C 113 11.66 5.54 -4.83
C TYR C 113 13.10 5.24 -4.43
N ALA C 114 13.58 5.90 -3.38
CA ALA C 114 14.96 5.70 -2.95
C ALA C 114 15.14 4.40 -2.18
N ILE C 115 14.22 4.08 -1.28
CA ILE C 115 14.37 2.87 -0.47
C ILE C 115 14.18 1.63 -1.32
N SER C 116 13.18 1.62 -2.19
CA SER C 116 12.88 0.43 -2.98
C SER C 116 13.98 0.10 -3.98
N ASN C 117 14.83 1.06 -4.33
CA ASN C 117 15.88 0.83 -5.32
C ASN C 117 17.26 0.66 -4.72
N LEU C 118 17.54 1.28 -3.57
CA LEU C 118 18.85 1.22 -2.95
C LEU C 118 18.96 0.11 -1.91
N LEU C 119 18.03 -0.85 -1.91
CA LEU C 119 18.12 -2.01 -1.02
C LEU C 119 18.05 -3.31 -1.83
N GLU C 131 6.71 -0.34 5.48
CA GLU C 131 5.46 0.35 5.80
C GLU C 131 5.63 1.24 7.03
N ALA C 132 6.14 0.66 8.12
CA ALA C 132 6.45 1.45 9.31
C ALA C 132 7.71 2.30 9.13
N ILE C 133 8.57 1.94 8.19
CA ILE C 133 9.75 2.76 7.92
C ILE C 133 9.36 4.03 7.16
N LEU C 134 8.37 3.92 6.27
CA LEU C 134 7.85 5.11 5.62
C LEU C 134 7.20 6.05 6.62
N SER C 135 6.53 5.49 7.63
CA SER C 135 5.91 6.31 8.67
C SER C 135 6.95 7.14 9.40
N ARG C 136 8.09 6.53 9.75
CA ARG C 136 9.16 7.30 10.39
C ARG C 136 9.84 8.25 9.41
N GLU C 137 9.90 7.89 8.13
CA GLU C 137 10.52 8.77 7.14
C GLU C 137 9.66 9.99 6.86
N LEU C 138 8.34 9.84 6.88
CA LEU C 138 7.46 11.00 6.78
C LEU C 138 7.75 12.00 7.89
N GLU C 139 7.91 11.51 9.12
CA GLU C 139 8.19 12.40 10.23
C GLU C 139 9.60 12.99 10.13
N ARG C 140 10.56 12.23 9.58
CA ARG C 140 11.90 12.77 9.37
C ARG C 140 11.88 13.87 8.31
N PHE C 141 11.04 13.73 7.30
CA PHE C 141 10.87 14.79 6.31
C PHE C 141 10.33 16.06 6.96
N VAL C 142 9.28 15.93 7.78
CA VAL C 142 8.70 17.10 8.42
C VAL C 142 9.67 17.71 9.42
N TYR C 143 10.39 16.87 10.17
CA TYR C 143 11.34 17.38 11.15
C TYR C 143 12.47 18.13 10.46
N THR C 144 13.08 17.52 9.45
CA THR C 144 14.20 18.16 8.77
C THR C 144 13.76 19.48 8.14
N LEU C 145 12.55 19.50 7.55
CA LEU C 145 12.03 20.72 6.96
C LEU C 145 11.86 21.82 7.99
N LYS C 146 11.23 21.50 9.13
CA LYS C 146 11.12 22.47 10.21
C LYS C 146 12.50 22.89 10.70
N LYS C 147 13.43 21.93 10.76
CA LYS C 147 14.75 22.18 11.34
C LYS C 147 15.54 23.18 10.49
N ILE C 148 15.61 22.96 9.18
CA ILE C 148 16.41 23.85 8.35
C ILE C 148 15.73 25.21 8.21
N ALA C 149 14.40 25.25 8.19
CA ALA C 149 13.71 26.54 8.14
C ALA C 149 13.96 27.35 9.41
N LEU C 150 13.91 26.69 10.56
CA LEU C 150 14.19 27.38 11.81
C LEU C 150 15.61 27.93 11.84
N ARG C 151 16.55 27.24 11.21
CA ARG C 151 17.94 27.71 11.17
C ARG C 151 18.05 29.03 10.40
N ASP C 152 17.26 29.20 9.34
CA ASP C 152 17.33 30.38 8.50
C ASP C 152 16.31 31.45 8.90
N GLY C 153 15.67 31.31 10.05
CA GLY C 153 14.75 32.33 10.52
C GLY C 153 13.42 32.39 9.82
N PHE C 154 12.99 31.30 9.19
CA PHE C 154 11.72 31.25 8.49
C PHE C 154 10.69 30.37 9.18
N ASP C 155 10.92 30.00 10.45
CA ASP C 155 10.03 29.06 11.10
C ASP C 155 8.63 29.64 11.33
N ASP C 156 8.51 30.96 11.47
CA ASP C 156 7.20 31.58 11.66
C ASP C 156 6.45 31.77 10.35
N LEU C 157 7.09 31.56 9.20
CA LEU C 157 6.45 31.65 7.91
C LEU C 157 6.03 30.29 7.38
N ILE C 158 6.16 29.23 8.18
CA ILE C 158 5.96 27.85 7.75
C ILE C 158 5.03 27.17 8.73
N LYS C 159 4.03 26.46 8.19
CA LYS C 159 3.15 25.62 9.00
C LYS C 159 2.97 24.31 8.26
N ILE C 160 3.27 23.20 8.92
CA ILE C 160 3.14 21.87 8.32
C ILE C 160 1.97 21.18 9.02
N VAL C 161 0.86 21.04 8.29
CA VAL C 161 -0.33 20.40 8.80
C VAL C 161 -0.66 19.20 7.91
N ASP C 162 -1.58 18.36 8.38
CA ASP C 162 -1.98 17.18 7.65
C ASP C 162 -3.49 17.16 7.48
N GLU C 163 -3.93 16.36 6.50
CA GLU C 163 -5.34 16.19 6.19
C GLU C 163 -6.19 15.87 7.42
N ASP D 5 20.62 1.72 8.12
CA ASP D 5 20.30 0.93 6.93
C ASP D 5 19.79 1.79 5.80
N ILE D 6 19.08 2.88 6.15
CA ILE D 6 18.52 3.78 5.15
C ILE D 6 19.27 5.10 5.17
N ASN D 7 20.59 5.02 5.36
CA ASN D 7 21.48 6.17 5.23
C ASN D 7 22.18 6.07 3.87
N PHE D 8 21.82 6.96 2.94
CA PHE D 8 22.34 6.93 1.59
C PHE D 8 23.02 8.24 1.25
N PHE D 9 23.82 8.22 0.20
CA PHE D 9 24.36 9.45 -0.35
C PHE D 9 23.24 10.25 -1.00
N PRO D 10 23.33 11.59 -0.99
CA PRO D 10 22.33 12.39 -1.70
C PRO D 10 22.26 12.03 -3.18
N SER D 11 23.41 11.75 -3.79
CA SER D 11 23.43 11.34 -5.20
C SER D 11 22.71 10.02 -5.41
N SER D 12 22.87 9.07 -4.48
CA SER D 12 22.14 7.81 -4.58
C SER D 12 20.64 8.05 -4.48
N THR D 13 20.20 8.86 -3.51
CA THR D 13 18.78 9.13 -3.36
C THR D 13 18.22 9.81 -4.61
N LEU D 14 18.93 10.80 -5.14
CA LEU D 14 18.45 11.54 -6.30
C LEU D 14 18.52 10.74 -7.59
N ALA D 15 19.45 9.78 -7.68
CA ALA D 15 19.50 8.95 -8.88
C ALA D 15 18.29 8.02 -8.97
N ALA D 16 17.88 7.44 -7.85
CA ALA D 16 16.69 6.60 -7.86
C ALA D 16 15.44 7.42 -8.13
N VAL D 17 15.37 8.64 -7.61
CA VAL D 17 14.23 9.51 -7.88
C VAL D 17 14.19 9.87 -9.36
N TYR D 18 15.33 10.30 -9.90
CA TYR D 18 15.43 10.61 -11.32
C TYR D 18 15.15 9.39 -12.20
N TYR D 19 15.46 8.19 -11.70
CA TYR D 19 15.23 6.98 -12.50
C TYR D 19 13.75 6.64 -12.54
N GLU D 20 13.05 6.74 -11.40
CA GLU D 20 11.64 6.39 -11.38
C GLU D 20 10.77 7.43 -12.07
N ASN D 21 11.16 8.70 -12.00
CA ASN D 21 10.33 9.77 -12.56
C ASN D 21 10.40 9.81 -14.08
N PHE D 22 11.57 9.57 -14.66
CA PHE D 22 11.69 9.71 -16.11
C PHE D 22 12.31 8.52 -16.80
N ILE D 23 13.39 7.96 -16.27
CA ILE D 23 14.12 6.92 -16.99
C ILE D 23 13.29 5.64 -17.07
N LYS D 24 12.76 5.18 -15.94
CA LYS D 24 12.06 3.90 -15.93
C LYS D 24 10.77 3.92 -16.74
N PRO D 25 9.90 4.93 -16.64
CA PRO D 25 8.67 4.90 -17.47
C PRO D 25 8.95 4.94 -18.96
N THR D 26 9.94 5.70 -19.40
CA THR D 26 10.27 5.74 -20.82
C THR D 26 10.83 4.40 -21.29
N CYS D 27 11.65 3.76 -20.47
CA CYS D 27 12.22 2.47 -20.84
C CYS D 27 11.16 1.38 -20.82
N SER D 28 10.28 1.39 -19.82
CA SER D 28 9.23 0.39 -19.76
C SER D 28 8.28 0.51 -20.95
N HIS D 29 8.00 1.74 -21.39
CA HIS D 29 7.16 1.93 -22.56
C HIS D 29 7.85 1.48 -23.84
N ILE D 30 9.18 1.59 -23.89
CA ILE D 30 9.91 1.20 -25.09
C ILE D 30 9.89 -0.31 -25.27
N ILE D 31 10.06 -1.06 -24.19
CA ILE D 31 10.12 -2.52 -24.29
C ILE D 31 8.76 -3.08 -24.66
N ASN D 32 7.69 -2.60 -24.03
CA ASN D 32 6.36 -3.15 -24.28
C ASN D 32 5.88 -2.84 -25.69
N ASN D 33 6.08 -1.62 -26.16
CA ASN D 33 5.62 -1.20 -27.47
C ASN D 33 6.68 -1.38 -28.56
N GLY D 34 7.78 -2.08 -28.26
CA GLY D 34 8.83 -2.30 -29.22
C GLY D 34 9.59 -1.05 -29.65
N GLY D 35 9.33 0.09 -29.03
CA GLY D 35 9.98 1.32 -29.41
C GLY D 35 9.14 2.51 -28.99
N LEU D 36 9.52 3.67 -29.54
CA LEU D 36 8.82 4.93 -29.24
C LEU D 36 7.62 5.05 -30.17
N LEU D 37 6.48 4.59 -29.69
CA LEU D 37 5.24 4.63 -30.47
C LEU D 37 4.57 5.99 -30.32
N ASP D 38 4.10 6.53 -31.44
CA ASP D 38 3.44 7.83 -31.44
C ASP D 38 2.34 7.88 -32.50
N ILE D 43 5.83 3.97 -35.40
CA ILE D 43 6.77 3.53 -34.39
C ILE D 43 8.18 4.00 -34.73
N TYR D 44 9.07 3.94 -33.73
CA TYR D 44 10.50 4.06 -33.92
C TYR D 44 11.12 2.79 -33.35
N LYS D 45 11.78 2.01 -34.21
CA LYS D 45 12.26 0.70 -33.77
C LYS D 45 13.45 0.82 -32.84
N LYS D 46 14.34 1.78 -33.09
CA LYS D 46 15.56 1.96 -32.31
C LYS D 46 15.47 3.26 -31.53
N CYS D 47 15.22 3.15 -30.24
CA CYS D 47 15.12 4.30 -29.33
C CYS D 47 16.17 4.16 -28.24
N THR D 48 16.97 5.21 -28.07
CA THR D 48 18.02 5.23 -27.06
C THR D 48 17.94 6.54 -26.29
N ILE D 49 17.99 6.45 -24.98
CA ILE D 49 17.96 7.63 -24.11
C ILE D 49 19.39 8.07 -23.84
N LYS D 50 19.68 9.33 -24.15
CA LYS D 50 21.01 9.90 -23.91
C LYS D 50 20.90 10.91 -22.77
N ILE D 51 21.68 10.69 -21.72
CA ILE D 51 21.71 11.55 -20.54
C ILE D 51 23.00 12.35 -20.58
N ILE D 52 22.87 13.67 -20.57
CA ILE D 52 24.00 14.58 -20.73
C ILE D 52 24.28 15.21 -19.38
N ILE D 53 25.43 14.88 -18.79
CA ILE D 53 25.81 15.42 -17.49
C ILE D 53 26.90 16.48 -17.72
N PRO D 54 27.03 17.46 -16.84
CA PRO D 54 28.16 18.39 -16.98
C PRO D 54 29.46 17.74 -16.54
N LYS D 55 30.56 18.32 -17.03
CA LYS D 55 31.89 17.84 -16.64
C LYS D 55 32.10 17.95 -15.14
N LYS D 56 31.51 18.96 -14.52
CA LYS D 56 31.73 19.25 -13.11
C LYS D 56 30.41 19.70 -12.49
N LEU D 57 30.25 19.42 -11.19
CA LEU D 57 29.11 19.92 -10.43
C LEU D 57 29.54 21.16 -9.67
N THR D 58 28.99 22.31 -10.06
CA THR D 58 29.32 23.58 -9.44
C THR D 58 28.08 24.17 -8.80
N SER D 59 28.27 25.25 -8.05
CA SER D 59 27.13 26.03 -7.57
C SER D 59 26.35 26.57 -8.76
N ASP D 60 25.03 26.57 -8.63
CA ASP D 60 24.12 26.91 -9.74
C ASP D 60 24.36 25.95 -10.92
N VAL D 61 23.95 24.70 -10.68
CA VAL D 61 24.02 23.67 -11.74
C VAL D 61 23.13 24.05 -12.90
N ASN D 62 22.06 24.81 -12.65
CA ASN D 62 21.11 25.16 -13.70
C ASN D 62 21.76 26.01 -14.78
N SER D 63 22.70 26.88 -14.41
CA SER D 63 23.40 27.69 -15.41
C SER D 63 24.23 26.83 -16.35
N GLN D 64 24.80 25.73 -15.83
CA GLN D 64 25.52 24.80 -16.69
C GLN D 64 24.58 24.13 -17.69
N PHE D 65 23.41 23.68 -17.21
CA PHE D 65 22.43 23.10 -18.11
C PHE D 65 21.82 24.16 -19.02
N GLN D 66 21.80 25.42 -18.58
CA GLN D 66 21.39 26.51 -19.46
C GLN D 66 22.30 26.59 -20.68
N ARG D 67 23.62 26.56 -20.46
CA ARG D 67 24.57 26.62 -21.56
C ARG D 67 24.46 25.37 -22.45
N ILE D 68 24.29 24.20 -21.85
CA ILE D 68 24.37 22.96 -22.60
C ILE D 68 23.09 22.71 -23.39
N LYS D 69 21.92 22.95 -22.78
CA LYS D 69 20.67 22.59 -23.44
C LYS D 69 20.42 23.41 -24.70
N ALA D 70 20.81 24.68 -24.70
CA ALA D 70 20.53 25.55 -25.84
C ALA D 70 21.33 25.16 -27.07
N LYS D 71 22.52 24.57 -26.88
CA LYS D 71 23.41 24.31 -28.01
C LYS D 71 22.92 23.20 -28.92
N ILE D 72 21.99 22.37 -28.47
CA ILE D 72 21.54 21.21 -29.23
C ILE D 72 20.07 21.41 -29.58
N GLU D 73 19.76 21.38 -30.88
CA GLU D 73 18.39 21.56 -31.34
C GLU D 73 17.58 20.29 -31.04
N THR D 74 16.41 20.47 -30.45
CA THR D 74 15.54 19.37 -30.06
C THR D 74 14.12 19.63 -30.53
N LYS D 75 13.35 18.56 -30.66
CA LYS D 75 11.93 18.63 -30.95
C LYS D 75 11.18 17.72 -29.99
N GLU D 76 9.88 17.97 -29.86
CA GLU D 76 9.05 17.32 -28.83
C GLU D 76 8.19 16.24 -29.44
N LEU D 77 8.23 15.06 -28.84
CA LEU D 77 7.37 13.93 -29.19
C LEU D 77 6.57 13.54 -27.97
N SER D 78 5.29 13.25 -28.17
CA SER D 78 4.38 12.95 -27.07
C SER D 78 3.95 11.49 -27.12
N PHE D 79 4.13 10.79 -26.01
CA PHE D 79 3.64 9.42 -25.86
C PHE D 79 3.00 9.28 -24.49
N GLU D 80 2.26 8.20 -24.30
CA GLU D 80 1.59 7.92 -23.04
C GLU D 80 2.03 6.57 -22.50
N TYR D 81 2.25 6.50 -21.19
CA TYR D 81 2.71 5.27 -20.54
C TYR D 81 1.65 4.73 -19.58
N PRO D 85 0.99 10.27 -20.61
CA PRO D 85 0.79 11.62 -21.18
C PRO D 85 1.97 12.55 -20.91
N ARG D 86 3.19 12.06 -21.11
CA ARG D 86 4.39 12.85 -20.89
C ARG D 86 5.07 13.17 -22.22
N ASN D 87 5.95 14.17 -22.18
CA ASN D 87 6.67 14.63 -23.36
C ASN D 87 8.16 14.41 -23.20
N ILE D 88 8.84 14.22 -24.33
CA ILE D 88 10.28 14.02 -24.36
C ILE D 88 10.86 14.79 -25.54
N ASN D 89 12.12 15.17 -25.41
CA ASN D 89 12.83 15.92 -26.44
C ASN D 89 13.81 14.98 -27.16
N VAL D 90 13.72 14.93 -28.48
CA VAL D 90 14.62 14.14 -29.30
C VAL D 90 15.45 15.07 -30.16
N GLU D 91 16.59 14.56 -30.62
CA GLU D 91 17.49 15.34 -31.47
C GLU D 91 17.30 15.01 -32.95
N VAL D 99 16.18 6.95 -33.26
CA VAL D 99 15.80 8.16 -32.54
C VAL D 99 16.54 8.24 -31.20
N ILE D 101 16.60 10.08 -27.57
CA ILE D 101 15.89 10.90 -26.58
C ILE D 101 16.90 11.64 -25.74
N ILE D 102 16.71 12.95 -25.60
CA ILE D 102 17.65 13.83 -24.93
C ILE D 102 17.03 14.30 -23.63
N ASP D 103 17.74 14.08 -22.51
CA ASP D 103 17.29 14.54 -21.21
C ASP D 103 18.48 14.99 -20.40
N PHE D 104 18.36 16.17 -19.78
CA PHE D 104 19.41 16.70 -18.93
C PHE D 104 18.98 16.55 -17.47
N PRO D 105 19.74 15.83 -16.64
CA PRO D 105 19.32 15.66 -15.24
C PRO D 105 19.50 16.91 -14.41
N THR D 106 18.51 17.81 -14.43
CA THR D 106 18.57 19.00 -13.60
C THR D 106 18.37 18.69 -12.13
N ILE D 107 17.97 17.45 -11.80
CA ILE D 107 17.85 17.04 -10.41
C ILE D 107 19.21 17.04 -9.73
N LEU D 108 20.31 17.04 -10.49
CA LEU D 108 21.65 17.06 -9.92
C LEU D 108 21.87 18.25 -9.00
N SER D 109 21.10 19.33 -9.16
CA SER D 109 21.26 20.49 -8.29
C SER D 109 20.88 20.18 -6.85
N GLY D 110 20.08 19.13 -6.63
CA GLY D 110 19.71 18.77 -5.28
C GLY D 110 20.84 18.15 -4.48
N ILE D 111 21.90 17.70 -5.15
CA ILE D 111 23.05 17.14 -4.44
C ILE D 111 23.67 18.19 -3.53
N ASN D 112 23.97 19.36 -4.09
CA ASN D 112 24.49 20.45 -3.28
C ASN D 112 23.43 20.99 -2.32
N TYR D 113 22.16 20.98 -2.73
CA TYR D 113 21.08 21.37 -1.83
C TYR D 113 21.07 20.51 -0.58
N ALA D 114 21.33 19.21 -0.73
CA ALA D 114 21.32 18.32 0.43
C ALA D 114 22.55 18.54 1.30
N ILE D 115 23.72 18.63 0.67
CA ILE D 115 24.97 18.75 1.43
C ILE D 115 25.03 20.07 2.18
N SER D 116 24.46 21.14 1.61
CA SER D 116 24.55 22.44 2.24
C SER D 116 23.69 22.51 3.51
N ASN D 117 22.48 21.95 3.45
CA ASN D 117 21.55 22.07 4.57
C ASN D 117 21.72 20.97 5.61
N LEU D 118 22.28 19.83 5.24
CA LEU D 118 22.32 18.67 6.13
C LEU D 118 23.68 18.45 6.79
N LEU D 119 24.69 19.27 6.48
CA LEU D 119 25.98 19.17 7.14
C LEU D 119 26.07 20.16 8.30
N ASP D 129 38.50 21.09 -1.53
CA ASP D 129 38.16 19.78 -0.96
C ASP D 129 36.66 19.52 -1.09
N TYR D 130 35.86 20.59 -0.97
CA TYR D 130 34.41 20.45 -1.08
C TYR D 130 33.99 20.13 -2.51
N GLU D 131 34.64 20.77 -3.49
CA GLU D 131 34.33 20.46 -4.89
C GLU D 131 34.69 19.02 -5.23
N ALA D 132 35.64 18.43 -4.50
CA ALA D 132 35.94 17.02 -4.68
C ALA D 132 34.76 16.15 -4.27
N ILE D 133 34.02 16.58 -3.24
CA ILE D 133 32.85 15.82 -2.81
C ILE D 133 31.77 15.85 -3.87
N LEU D 134 31.60 16.98 -4.55
CA LEU D 134 30.60 17.06 -5.62
C LEU D 134 31.02 16.24 -6.83
N SER D 135 32.32 16.23 -7.14
CA SER D 135 32.78 15.41 -8.27
C SER D 135 32.66 13.93 -7.95
N ARG D 136 32.88 13.55 -6.69
CA ARG D 136 32.60 12.17 -6.28
C ARG D 136 31.11 11.88 -6.28
N GLU D 137 30.31 12.84 -5.79
CA GLU D 137 28.86 12.68 -5.79
C GLU D 137 28.33 12.60 -7.22
N LEU D 138 28.91 13.37 -8.13
CA LEU D 138 28.50 13.26 -9.54
C LEU D 138 28.79 11.88 -10.09
N GLU D 139 29.93 11.30 -9.71
CA GLU D 139 30.25 9.95 -10.17
C GLU D 139 29.35 8.91 -9.52
N ARG D 140 28.96 9.13 -8.26
CA ARG D 140 28.04 8.19 -7.62
C ARG D 140 26.65 8.26 -8.23
N PHE D 141 26.23 9.45 -8.68
CA PHE D 141 24.95 9.57 -9.38
C PHE D 141 24.95 8.76 -10.67
N VAL D 142 26.04 8.85 -11.44
CA VAL D 142 26.11 8.10 -12.70
C VAL D 142 26.20 6.61 -12.43
N TYR D 143 26.94 6.21 -11.39
CA TYR D 143 27.06 4.80 -11.05
C TYR D 143 25.72 4.22 -10.63
N THR D 144 25.03 4.87 -9.68
CA THR D 144 23.76 4.36 -9.20
C THR D 144 22.74 4.27 -10.32
N LEU D 145 22.73 5.25 -11.24
CA LEU D 145 21.79 5.22 -12.35
C LEU D 145 22.02 4.01 -13.24
N LYS D 146 23.27 3.73 -13.58
CA LYS D 146 23.56 2.55 -14.40
C LYS D 146 23.25 1.27 -13.66
N LYS D 147 23.45 1.24 -12.35
CA LYS D 147 23.28 0.02 -11.58
C LYS D 147 21.82 -0.43 -11.55
N ILE D 148 20.90 0.50 -11.27
CA ILE D 148 19.49 0.13 -11.24
C ILE D 148 18.95 -0.08 -12.65
N ALA D 149 19.45 0.66 -13.64
CA ALA D 149 19.03 0.43 -15.01
C ALA D 149 19.49 -0.93 -15.50
N LEU D 150 20.67 -1.37 -15.05
CA LEU D 150 21.14 -2.71 -15.36
C LEU D 150 20.26 -3.76 -14.69
N ARG D 151 19.88 -3.53 -13.43
CA ARG D 151 19.07 -4.49 -12.69
C ARG D 151 17.72 -4.73 -13.35
N ASP D 152 17.17 -3.72 -14.02
CA ASP D 152 15.87 -3.85 -14.67
C ASP D 152 15.97 -4.18 -16.15
N GLY D 153 17.18 -4.39 -16.68
CA GLY D 153 17.34 -4.76 -18.07
C GLY D 153 17.23 -3.61 -19.06
N PHE D 154 17.28 -2.37 -18.58
CA PHE D 154 17.20 -1.20 -19.44
C PHE D 154 18.57 -0.59 -19.73
N ASP D 155 19.65 -1.33 -19.46
CA ASP D 155 20.98 -0.75 -19.59
C ASP D 155 21.37 -0.51 -21.05
N ASP D 156 20.87 -1.34 -21.97
CA ASP D 156 21.18 -1.12 -23.38
C ASP D 156 20.45 0.10 -23.95
N LEU D 157 19.34 0.51 -23.33
CA LEU D 157 18.60 1.68 -23.79
C LEU D 157 19.17 2.99 -23.27
N ILE D 158 20.06 2.95 -22.28
CA ILE D 158 20.55 4.14 -21.60
C ILE D 158 22.00 4.38 -21.99
N LYS D 159 22.33 5.64 -22.24
CA LYS D 159 23.70 6.06 -22.51
C LYS D 159 23.93 7.40 -21.84
N ILE D 160 25.07 7.55 -21.17
CA ILE D 160 25.38 8.74 -20.38
C ILE D 160 26.65 9.36 -20.94
N VAL D 161 26.60 10.66 -21.22
CA VAL D 161 27.70 11.38 -21.85
C VAL D 161 27.95 12.68 -21.11
N ASP D 162 29.20 13.13 -21.14
CA ASP D 162 29.57 14.42 -20.57
C ASP D 162 28.90 15.57 -21.33
#